data_7FMJ
#
_entry.id   7FMJ
#
_cell.length_a   88.789
_cell.length_b   82.06
_cell.length_c   94.372
_cell.angle_alpha   90
_cell.angle_beta   108.31
_cell.angle_gamma   90
#
_symmetry.space_group_name_H-M   'C 1 2 1'
#
loop_
_entity.id
_entity.type
_entity.pdbx_description
1 polymer 'Pre-mRNA-splicing factor 8'
2 polymer 'A1 cistron-splicing factor AAR2'
3 non-polymer '(2E)-3-[4-(2-oxopyrrolidin-1-yl)phenyl]prop-2-enoic acid'
4 water water
#
loop_
_entity_poly.entity_id
_entity_poly.type
_entity_poly.pdbx_seq_one_letter_code
_entity_poly.pdbx_strand_id
1 'polypeptide(L)'
;GAMNSSNYAELFNNDIKLFVDDTNVYRVTVHKTFEGNVATKAINGCIFTLNPKTGHLFLKIIHTSVWAGQKRLSQLAKWK
TAEEVSALVRSLPKEEQPKQIIVTRKAMLDPLEVHMLDFPNIAIRPTELRLPFSAAMSIDKLSDVVMKATEPQMVLFNIY
DDWLDRISSYTAFSRLTLLLRALKTNEESAKMILLSDPTITIKSYHLWPSFTDEQWITIESQMRDLILTEYGRKYNVNIS
ALTQTEIKDIILGQNIKA
;
A
2 'polypeptide(L)'
;GAMAMNTVPFTSAPIEVTIGIDQYSFNVKENQPFHGIKDIPIGHVHVIHFQHADNSSMRYGYWFDCRMGNFYIQYDPKDG
LYKMMEERDGAKFENIVHNFKERQMMVSYPKIDEDDTWYNLTEFVQMDKIRKIVRKDENQFSYVDSSMTTVQENELSSSS
SDPAHSLNYTVINFKSREAIRPGHEMEDFLDKSYYLNTVMLQGIFKNSSNYFGELQFAFLNAMFFGNYGSSLQWHAMIEL
ICSSATVPKHMLDKLDEILYYQIKTLPEQYSDILLNERVWNICLYSSFQKNSLHNTEKIMENKYPELL
;
B
#
loop_
_chem_comp.id
_chem_comp.type
_chem_comp.name
_chem_comp.formula
V5O non-polymer '(2E)-3-[4-(2-oxopyrrolidin-1-yl)phenyl]prop-2-enoic acid' 'C13 H13 N O3'
#
# COMPACT_ATOMS: atom_id res chain seq x y z
N GLY A 1 13.51 -8.49 -4.91
CA GLY A 1 12.32 -9.10 -4.32
C GLY A 1 12.64 -9.99 -3.13
N ALA A 2 12.05 -11.19 -3.11
CA ALA A 2 12.32 -12.14 -2.03
C ALA A 2 13.61 -12.91 -2.31
N MET A 3 14.21 -13.41 -1.24
CA MET A 3 15.55 -13.99 -1.26
C MET A 3 15.45 -15.46 -0.89
N ASN A 4 15.92 -16.34 -1.78
CA ASN A 4 15.70 -17.78 -1.63
C ASN A 4 16.96 -18.55 -2.03
N SER A 5 16.82 -19.87 -2.18
CA SER A 5 17.94 -20.75 -2.47
C SER A 5 18.42 -20.67 -3.92
N SER A 6 17.60 -20.14 -4.82
CA SER A 6 18.06 -19.92 -6.19
C SER A 6 19.19 -18.89 -6.21
N ASN A 7 18.91 -17.68 -5.71
CA ASN A 7 19.90 -16.60 -5.63
C ASN A 7 20.65 -16.60 -4.30
N TYR A 8 21.09 -17.77 -3.83
CA TYR A 8 21.71 -17.86 -2.50
C TYR A 8 23.12 -17.28 -2.50
N ALA A 9 23.89 -17.52 -3.57
CA ALA A 9 25.22 -16.95 -3.64
C ALA A 9 25.23 -15.43 -3.66
N GLU A 10 24.10 -14.79 -3.92
CA GLU A 10 24.05 -13.33 -3.84
C GLU A 10 24.45 -12.81 -2.46
N LEU A 11 24.22 -13.61 -1.43
CA LEU A 11 24.60 -13.20 -0.07
C LEU A 11 26.09 -12.88 0.06
N PHE A 12 26.95 -13.52 -0.75
CA PHE A 12 28.39 -13.45 -0.56
C PHE A 12 29.09 -12.71 -1.69
N ASN A 13 28.31 -11.95 -2.47
CA ASN A 13 28.90 -11.02 -3.43
C ASN A 13 29.34 -9.74 -2.71
N ASN A 14 29.78 -8.74 -3.50
CA ASN A 14 30.44 -7.56 -2.96
C ASN A 14 29.49 -6.38 -2.75
N ASP A 15 28.18 -6.59 -2.85
CA ASP A 15 27.18 -5.61 -2.52
C ASP A 15 26.91 -5.71 -1.01
N ILE A 16 27.20 -4.65 -0.26
CA ILE A 16 27.02 -4.72 1.20
C ILE A 16 25.57 -5.01 1.51
N LYS A 17 25.32 -5.97 2.41
CA LYS A 17 23.95 -6.28 2.78
C LYS A 17 23.92 -6.71 4.24
N LEU A 18 22.77 -6.52 4.86
CA LEU A 18 22.54 -6.96 6.23
C LEU A 18 21.27 -7.78 6.35
N PHE A 19 21.36 -8.87 7.10
CA PHE A 19 20.18 -9.51 7.68
C PHE A 19 19.75 -8.79 8.96
N VAL A 20 18.45 -8.65 9.13
CA VAL A 20 17.87 -8.16 10.38
C VAL A 20 16.88 -9.18 10.90
N ASP A 21 17.10 -9.66 12.12
CA ASP A 21 16.19 -10.56 12.81
C ASP A 21 15.68 -9.89 14.07
N ASP A 22 14.36 -9.79 14.20
CA ASP A 22 13.71 -9.15 15.33
C ASP A 22 13.13 -10.12 16.36
N THR A 23 13.42 -11.42 16.24
N THR A 23 13.46 -11.42 16.28
CA THR A 23 12.74 -12.39 17.09
CA THR A 23 12.74 -12.41 17.09
C THR A 23 12.97 -12.07 18.56
C THR A 23 13.08 -12.33 18.57
N ASN A 24 14.21 -11.71 18.93
CA ASN A 24 14.61 -11.57 20.33
C ASN A 24 14.54 -10.12 20.84
N VAL A 25 13.75 -9.26 20.17
CA VAL A 25 13.66 -7.87 20.60
C VAL A 25 12.78 -7.75 21.84
N TYR A 26 11.56 -8.30 21.76
CA TYR A 26 10.57 -8.26 22.85
C TYR A 26 10.48 -9.67 23.40
N ARG A 27 11.03 -9.86 24.60
CA ARG A 27 11.07 -11.16 25.24
C ARG A 27 10.33 -11.06 26.57
N VAL A 28 9.51 -12.07 26.87
CA VAL A 28 8.76 -12.07 28.13
C VAL A 28 8.78 -13.46 28.78
N THR A 29 8.58 -13.46 30.09
CA THR A 29 8.14 -14.61 30.86
C THR A 29 6.68 -14.41 31.24
N VAL A 30 5.89 -15.48 31.20
CA VAL A 30 4.46 -15.43 31.52
C VAL A 30 4.27 -16.12 32.87
N HIS A 31 3.53 -15.47 33.77
CA HIS A 31 3.38 -16.06 35.10
C HIS A 31 2.01 -15.72 35.66
N LYS A 32 1.62 -16.47 36.70
CA LYS A 32 0.37 -16.20 37.41
C LYS A 32 0.54 -15.07 38.42
N THR A 33 -0.50 -14.26 38.56
CA THR A 33 -0.55 -13.21 39.58
C THR A 33 -1.18 -13.75 40.86
N PHE A 34 -1.02 -12.99 41.94
CA PHE A 34 -1.54 -13.44 43.22
C PHE A 34 -3.04 -13.70 43.15
N GLU A 35 -3.76 -12.96 42.31
CA GLU A 35 -5.18 -13.16 42.12
C GLU A 35 -5.51 -14.28 41.13
N GLY A 36 -4.51 -14.97 40.61
CA GLY A 36 -4.74 -16.05 39.65
C GLY A 36 -4.96 -15.61 38.23
N ASN A 37 -4.66 -14.36 37.89
CA ASN A 37 -4.66 -13.93 36.50
C ASN A 37 -3.29 -14.27 35.92
N VAL A 38 -3.02 -13.81 34.71
CA VAL A 38 -1.73 -14.03 34.06
C VAL A 38 -1.15 -12.68 33.72
N ALA A 39 0.16 -12.56 33.90
CA ALA A 39 0.89 -11.35 33.59
C ALA A 39 2.18 -11.72 32.90
N THR A 40 2.71 -10.77 32.13
CA THR A 40 4.03 -10.89 31.55
C THR A 40 5.03 -10.03 32.30
N LYS A 41 6.29 -10.47 32.28
CA LYS A 41 7.42 -9.67 32.73
C LYS A 41 8.42 -9.66 31.59
N ALA A 42 8.70 -8.47 31.05
CA ALA A 42 9.72 -8.37 30.02
C ALA A 42 11.12 -8.65 30.56
N ILE A 43 11.99 -9.16 29.69
CA ILE A 43 13.42 -9.22 29.97
C ILE A 43 14.17 -8.62 28.78
N ASN A 44 15.43 -8.29 29.02
CA ASN A 44 16.23 -7.62 28.01
C ASN A 44 16.25 -8.44 26.72
N GLY A 45 16.19 -7.73 25.61
CA GLY A 45 16.29 -8.38 24.31
C GLY A 45 17.39 -7.78 23.43
N CYS A 46 17.38 -8.13 22.14
CA CYS A 46 18.39 -7.64 21.24
C CYS A 46 17.86 -7.70 19.79
N ILE A 47 18.34 -6.76 18.97
CA ILE A 47 18.24 -6.85 17.52
C ILE A 47 19.49 -7.52 17.01
N PHE A 48 19.31 -8.48 16.09
CA PHE A 48 20.39 -9.26 15.50
C PHE A 48 20.53 -8.76 14.06
N THR A 49 21.59 -7.96 13.80
CA THR A 49 21.83 -7.36 12.48
C THR A 49 23.20 -7.85 12.01
N LEU A 50 23.23 -8.61 10.91
CA LEU A 50 24.41 -9.35 10.51
C LEU A 50 24.77 -9.12 9.04
N ASN A 51 26.05 -8.82 8.81
CA ASN A 51 26.60 -8.86 7.45
C ASN A 51 27.07 -10.28 7.18
N PRO A 52 26.40 -11.03 6.27
CA PRO A 52 26.78 -12.44 6.06
C PRO A 52 28.08 -12.62 5.33
N LYS A 53 28.61 -11.58 4.68
CA LYS A 53 29.88 -11.69 3.97
C LYS A 53 31.06 -11.52 4.92
N THR A 54 30.97 -10.60 5.88
CA THR A 54 32.09 -10.31 6.75
C THR A 54 31.95 -10.90 8.14
N GLY A 55 30.75 -11.28 8.54
CA GLY A 55 30.53 -11.79 9.88
C GLY A 55 30.28 -10.73 10.91
N HIS A 56 30.34 -9.44 10.53
CA HIS A 56 30.11 -8.35 11.47
C HIS A 56 28.66 -8.36 11.93
N LEU A 57 28.50 -8.35 13.25
CA LEU A 57 27.22 -8.45 13.94
C LEU A 57 27.07 -7.17 14.73
N PHE A 58 26.00 -6.40 14.46
CA PHE A 58 25.65 -5.21 15.22
C PHE A 58 24.54 -5.64 16.16
N LEU A 59 24.88 -5.87 17.44
CA LEU A 59 23.92 -6.38 18.40
C LEU A 59 23.41 -5.20 19.21
N LYS A 60 22.20 -4.73 18.91
CA LYS A 60 21.60 -3.64 19.68
C LYS A 60 20.86 -4.31 20.82
N ILE A 61 21.25 -3.96 22.05
CA ILE A 61 20.63 -4.52 23.23
C ILE A 61 19.44 -3.62 23.56
N ILE A 62 18.28 -4.25 23.72
CA ILE A 62 17.01 -3.60 23.96
C ILE A 62 16.74 -3.77 25.46
N HIS A 63 16.83 -2.68 26.23
CA HIS A 63 16.67 -2.79 27.66
C HIS A 63 15.18 -2.68 28.00
N THR A 64 14.73 -3.42 29.02
CA THR A 64 13.30 -3.49 29.34
C THR A 64 12.68 -2.13 29.60
N SER A 65 13.49 -1.13 29.93
CA SER A 65 12.94 0.19 30.20
C SER A 65 12.31 0.80 28.96
N VAL A 66 12.66 0.34 27.77
N VAL A 66 12.69 0.32 27.77
CA VAL A 66 12.04 0.90 26.58
CA VAL A 66 12.06 0.76 26.53
C VAL A 66 10.56 0.51 26.47
C VAL A 66 10.56 0.55 26.56
N TRP A 67 10.10 -0.51 27.22
CA TRP A 67 8.70 -0.90 27.16
C TRP A 67 7.83 -0.22 28.21
N ALA A 68 8.43 0.51 29.12
CA ALA A 68 7.71 1.01 30.29
C ALA A 68 6.59 1.95 29.88
N GLY A 69 5.37 1.61 30.26
CA GLY A 69 4.22 2.45 29.99
C GLY A 69 3.78 2.44 28.56
N GLN A 70 4.28 1.51 27.77
CA GLN A 70 3.87 1.42 26.37
C GLN A 70 2.81 0.34 26.22
N LYS A 71 1.99 0.49 25.18
CA LYS A 71 0.95 -0.46 24.82
C LYS A 71 1.32 -1.17 23.52
N ARG A 72 0.64 -2.30 23.27
CA ARG A 72 0.79 -3.06 22.01
C ARG A 72 2.25 -3.35 21.70
N LEU A 73 2.90 -4.03 22.66
CA LEU A 73 4.35 -4.11 22.65
C LEU A 73 4.85 -4.94 21.48
N SER A 74 4.13 -5.99 21.10
CA SER A 74 4.61 -6.79 19.98
C SER A 74 4.62 -5.98 18.69
N GLN A 75 3.68 -5.06 18.53
CA GLN A 75 3.69 -4.15 17.38
C GLN A 75 4.75 -3.07 17.55
N LEU A 76 4.87 -2.48 18.74
CA LEU A 76 5.91 -1.48 18.98
C LEU A 76 7.29 -2.05 18.69
N ALA A 77 7.52 -3.32 19.05
CA ALA A 77 8.85 -3.92 18.90
C ALA A 77 9.30 -3.92 17.44
N LYS A 78 8.37 -4.10 16.50
CA LYS A 78 8.77 -4.08 15.10
C LYS A 78 9.18 -2.69 14.66
N TRP A 79 8.45 -1.66 15.12
CA TRP A 79 8.79 -0.29 14.76
C TRP A 79 10.07 0.17 15.47
N LYS A 80 10.26 -0.23 16.74
CA LYS A 80 11.53 0.04 17.42
C LYS A 80 12.72 -0.61 16.72
N THR A 81 12.58 -1.87 16.30
CA THR A 81 13.57 -2.52 15.48
C THR A 81 13.88 -1.69 14.26
N ALA A 82 12.83 -1.26 13.53
CA ALA A 82 13.05 -0.49 12.31
C ALA A 82 13.75 0.83 12.61
N GLU A 83 13.32 1.51 13.69
CA GLU A 83 13.96 2.75 14.11
C GLU A 83 15.44 2.54 14.36
N GLU A 84 15.79 1.46 15.07
CA GLU A 84 17.19 1.25 15.42
C GLU A 84 18.04 0.86 14.21
N VAL A 85 17.48 0.09 13.28
CA VAL A 85 18.22 -0.25 12.07
C VAL A 85 18.47 1.01 11.24
N SER A 86 17.47 1.86 11.11
N SER A 86 17.45 1.84 11.10
CA SER A 86 17.69 3.10 10.35
CA SER A 86 17.60 3.12 10.41
C SER A 86 18.71 3.99 11.05
C SER A 86 18.70 3.96 11.05
N ALA A 87 18.69 4.05 12.39
CA ALA A 87 19.71 4.82 13.10
C ALA A 87 21.11 4.23 12.87
N LEU A 88 21.23 2.90 12.80
CA LEU A 88 22.52 2.26 12.52
C LEU A 88 23.01 2.64 11.12
N VAL A 89 22.14 2.50 10.12
CA VAL A 89 22.52 2.87 8.76
C VAL A 89 23.01 4.32 8.74
N ARG A 90 22.26 5.23 9.35
CA ARG A 90 22.64 6.65 9.30
C ARG A 90 23.97 6.90 9.99
N SER A 91 24.34 6.05 10.95
CA SER A 91 25.58 6.19 11.70
C SER A 91 26.78 5.68 10.92
N LEU A 92 26.55 4.92 9.86
CA LEU A 92 27.67 4.35 9.14
C LEU A 92 28.12 5.31 8.05
N PRO A 93 29.42 5.37 7.76
CA PRO A 93 29.86 6.12 6.56
C PRO A 93 29.15 5.61 5.31
N LYS A 94 28.91 6.53 4.38
CA LYS A 94 28.21 6.23 3.15
C LYS A 94 28.74 4.97 2.49
N GLU A 95 30.07 4.84 2.41
CA GLU A 95 30.58 3.67 1.68
C GLU A 95 30.45 2.38 2.49
N GLU A 96 29.97 2.42 3.74
CA GLU A 96 29.70 1.24 4.52
C GLU A 96 28.21 0.94 4.64
N GLN A 97 27.35 1.83 4.12
CA GLN A 97 25.93 1.61 4.22
C GLN A 97 25.51 0.45 3.32
N PRO A 98 24.51 -0.33 3.73
CA PRO A 98 24.13 -1.49 2.92
C PRO A 98 23.39 -1.04 1.68
N LYS A 99 23.48 -1.87 0.64
N LYS A 99 23.49 -1.87 0.64
CA LYS A 99 22.61 -1.69 -0.52
CA LYS A 99 22.65 -1.74 -0.53
C LYS A 99 21.32 -2.48 -0.39
C LYS A 99 21.33 -2.47 -0.38
N GLN A 100 21.28 -3.48 0.49
CA GLN A 100 20.10 -4.29 0.73
C GLN A 100 20.01 -4.60 2.22
N ILE A 101 18.80 -4.61 2.74
CA ILE A 101 18.52 -5.14 4.08
C ILE A 101 17.48 -6.23 3.94
N ILE A 102 17.82 -7.43 4.39
CA ILE A 102 16.94 -8.60 4.30
C ILE A 102 16.37 -8.88 5.70
N VAL A 103 15.02 -8.81 5.84
CA VAL A 103 14.37 -9.09 7.13
C VAL A 103 13.98 -10.56 7.16
N THR A 104 14.24 -11.22 8.29
CA THR A 104 13.90 -12.63 8.42
C THR A 104 12.41 -12.88 8.55
N ARG A 105 11.62 -11.86 8.93
CA ARG A 105 10.18 -12.00 9.10
C ARG A 105 9.47 -10.92 8.30
N LYS A 106 8.42 -11.32 7.57
CA LYS A 106 7.76 -10.40 6.65
C LYS A 106 7.08 -9.24 7.36
N ALA A 107 6.69 -9.43 8.62
CA ALA A 107 6.08 -8.34 9.37
C ALA A 107 7.03 -7.15 9.59
N MET A 108 8.35 -7.34 9.35
CA MET A 108 9.29 -6.22 9.45
C MET A 108 9.36 -5.38 8.19
N LEU A 109 8.75 -5.82 7.07
CA LEU A 109 8.93 -5.10 5.82
C LEU A 109 8.39 -3.67 5.87
N ASP A 110 7.12 -3.50 6.21
CA ASP A 110 6.55 -2.16 6.21
C ASP A 110 7.21 -1.27 7.26
N PRO A 111 7.45 -1.69 8.49
CA PRO A 111 8.12 -0.81 9.45
C PRO A 111 9.48 -0.37 8.94
N LEU A 112 10.28 -1.28 8.37
CA LEU A 112 11.61 -0.89 7.92
C LEU A 112 11.51 -0.02 6.68
N GLU A 113 10.60 -0.35 5.76
CA GLU A 113 10.44 0.48 4.58
C GLU A 113 10.07 1.92 4.95
N VAL A 114 9.15 2.10 5.88
CA VAL A 114 8.74 3.44 6.28
C VAL A 114 9.89 4.19 6.95
N HIS A 115 10.67 3.52 7.82
CA HIS A 115 11.79 4.21 8.46
C HIS A 115 12.91 4.55 7.48
N MET A 116 12.99 3.86 6.34
CA MET A 116 14.07 4.02 5.39
C MET A 116 13.63 4.78 4.13
N LEU A 117 12.51 5.53 4.23
CA LEU A 117 12.04 6.28 3.06
C LEU A 117 13.09 7.23 2.52
N ASP A 118 13.94 7.76 3.41
CA ASP A 118 15.05 8.65 3.12
C ASP A 118 16.16 7.97 2.34
N PHE A 119 16.13 6.65 2.20
CA PHE A 119 17.14 5.86 1.52
C PHE A 119 16.43 5.07 0.42
N PRO A 120 15.89 5.76 -0.59
CA PRO A 120 15.13 5.04 -1.63
C PRO A 120 15.97 4.04 -2.41
N ASN A 121 17.30 4.15 -2.37
CA ASN A 121 18.14 3.21 -3.07
C ASN A 121 18.56 2.00 -2.24
N ILE A 122 18.16 1.92 -0.97
CA ILE A 122 18.41 0.70 -0.21
C ILE A 122 17.18 -0.20 -0.34
N ALA A 123 17.38 -1.38 -0.87
CA ALA A 123 16.28 -2.32 -1.05
C ALA A 123 16.02 -3.09 0.23
N ILE A 124 14.74 -3.16 0.61
CA ILE A 124 14.25 -3.88 1.77
C ILE A 124 13.57 -5.13 1.25
N ARG A 125 14.07 -6.29 1.66
CA ARG A 125 13.67 -7.57 1.07
C ARG A 125 13.33 -8.60 2.13
N PRO A 126 12.32 -9.46 1.85
CA PRO A 126 12.12 -10.64 2.69
C PRO A 126 13.01 -11.77 2.21
N THR A 127 12.95 -12.92 2.89
CA THR A 127 13.70 -14.10 2.47
C THR A 127 12.82 -15.33 2.60
N GLU A 128 13.03 -16.29 1.69
N GLU A 128 13.01 -16.30 1.70
CA GLU A 128 12.41 -17.61 1.82
CA GLU A 128 12.37 -17.60 1.90
C GLU A 128 13.25 -18.56 2.67
C GLU A 128 13.27 -18.60 2.61
N LEU A 129 14.48 -18.20 3.02
CA LEU A 129 15.26 -19.01 3.94
C LEU A 129 14.62 -18.96 5.33
N ARG A 130 14.67 -20.08 6.04
CA ARG A 130 14.25 -20.17 7.43
C ARG A 130 15.53 -20.16 8.27
N LEU A 131 15.93 -18.98 8.69
CA LEU A 131 17.22 -18.82 9.34
C LEU A 131 17.08 -18.86 10.85
N PRO A 132 17.98 -19.59 11.51
CA PRO A 132 17.81 -19.89 12.92
C PRO A 132 18.37 -18.79 13.84
N PHE A 133 18.27 -17.53 13.43
CA PHE A 133 18.96 -16.48 14.19
C PHE A 133 18.35 -16.26 15.56
N SER A 134 17.14 -16.77 15.80
CA SER A 134 16.60 -16.69 17.16
C SER A 134 17.53 -17.35 18.17
N ALA A 135 18.30 -18.33 17.76
CA ALA A 135 19.16 -19.05 18.69
C ALA A 135 20.42 -18.27 19.06
N ALA A 136 20.57 -17.02 18.60
CA ALA A 136 21.77 -16.27 18.96
C ALA A 136 21.88 -16.11 20.47
N MET A 137 20.75 -16.07 21.17
CA MET A 137 20.82 -16.00 22.61
C MET A 137 21.24 -17.30 23.24
N SER A 138 21.51 -18.35 22.45
CA SER A 138 22.17 -19.54 22.98
C SER A 138 23.69 -19.46 22.92
N ILE A 139 24.23 -18.41 22.30
CA ILE A 139 25.66 -18.18 22.33
C ILE A 139 25.96 -17.48 23.65
N ASP A 140 26.72 -18.15 24.51
CA ASP A 140 26.90 -17.67 25.88
C ASP A 140 27.34 -16.21 25.94
N LYS A 141 28.35 -15.81 25.15
CA LYS A 141 28.86 -14.45 25.32
C LYS A 141 27.86 -13.37 24.89
N LEU A 142 26.97 -13.70 23.94
CA LEU A 142 25.91 -12.80 23.51
C LEU A 142 24.82 -12.71 24.55
N SER A 143 24.35 -13.85 25.06
CA SER A 143 23.34 -13.85 26.11
C SER A 143 23.83 -13.06 27.34
N ASP A 144 25.12 -13.19 27.69
CA ASP A 144 25.65 -12.53 28.87
C ASP A 144 25.57 -11.01 28.76
N VAL A 145 25.98 -10.47 27.61
CA VAL A 145 25.99 -9.02 27.48
C VAL A 145 24.57 -8.48 27.42
N VAL A 146 23.63 -9.24 26.84
CA VAL A 146 22.24 -8.78 26.82
C VAL A 146 21.66 -8.77 28.23
N MET A 147 21.88 -9.85 28.99
N MET A 147 21.88 -9.84 29.00
N MET A 147 21.88 -9.83 28.99
CA MET A 147 21.27 -9.99 30.30
CA MET A 147 21.25 -9.95 30.31
CA MET A 147 21.22 -9.92 30.30
C MET A 147 21.88 -9.02 31.33
C MET A 147 21.87 -8.97 31.31
C MET A 147 21.87 -9.00 31.33
N LYS A 148 23.16 -8.68 31.19
CA LYS A 148 23.82 -7.77 32.14
C LYS A 148 23.51 -6.30 31.87
N ALA A 149 23.00 -5.96 30.69
CA ALA A 149 22.79 -4.56 30.32
C ALA A 149 21.81 -3.88 31.28
N THR A 150 22.19 -2.68 31.72
CA THR A 150 21.36 -1.84 32.57
C THR A 150 20.78 -0.66 31.81
N GLU A 151 21.14 -0.50 30.54
CA GLU A 151 20.70 0.59 29.68
C GLU A 151 20.87 0.13 28.25
N PRO A 152 20.20 0.79 27.30
CA PRO A 152 20.44 0.50 25.87
C PRO A 152 21.92 0.58 25.51
N GLN A 153 22.35 -0.29 24.59
CA GLN A 153 23.75 -0.45 24.31
C GLN A 153 23.84 -1.16 22.96
N MET A 154 24.83 -0.79 22.18
CA MET A 154 25.18 -1.49 20.93
C MET A 154 26.54 -2.14 21.15
N VAL A 155 26.63 -3.44 20.84
CA VAL A 155 27.89 -4.18 20.98
C VAL A 155 28.18 -4.83 19.63
N LEU A 156 29.43 -4.73 19.18
CA LEU A 156 29.86 -5.26 17.90
C LEU A 156 30.65 -6.54 18.09
N PHE A 157 30.34 -7.53 17.25
CA PHE A 157 31.00 -8.81 17.33
C PHE A 157 31.35 -9.21 15.90
N ASN A 158 32.22 -10.20 15.76
CA ASN A 158 32.37 -10.94 14.52
C ASN A 158 31.90 -12.37 14.80
N ILE A 159 30.76 -12.74 14.21
CA ILE A 159 30.13 -14.01 14.54
C ILE A 159 30.88 -15.19 13.92
N TYR A 160 31.83 -14.94 13.04
CA TYR A 160 32.66 -16.00 12.45
C TYR A 160 34.01 -16.15 13.14
N ASP A 161 34.24 -15.48 14.27
CA ASP A 161 35.58 -15.46 14.86
C ASP A 161 36.63 -15.24 13.76
N ASP A 162 37.65 -16.10 13.67
CA ASP A 162 38.69 -15.95 12.66
C ASP A 162 38.53 -16.91 11.49
N TRP A 163 37.31 -17.41 11.26
CA TRP A 163 37.16 -18.48 10.27
C TRP A 163 37.50 -18.00 8.86
N LEU A 164 37.23 -16.73 8.54
CA LEU A 164 37.44 -16.29 7.16
C LEU A 164 38.94 -16.29 6.77
N ASP A 165 39.84 -16.48 7.74
CA ASP A 165 41.24 -16.68 7.39
C ASP A 165 41.42 -17.98 6.62
N ARG A 166 40.54 -18.95 6.86
CA ARG A 166 40.69 -20.28 6.31
C ARG A 166 39.58 -20.73 5.37
N ILE A 167 38.38 -20.17 5.46
CA ILE A 167 37.24 -20.60 4.64
C ILE A 167 36.56 -19.39 4.03
N SER A 168 35.76 -19.66 3.00
CA SER A 168 35.01 -18.60 2.33
C SER A 168 33.82 -18.20 3.19
N SER A 169 33.24 -17.04 2.85
N SER A 169 33.22 -17.06 2.84
CA SER A 169 32.04 -16.57 3.55
CA SER A 169 32.04 -16.58 3.58
C SER A 169 30.89 -17.56 3.36
C SER A 169 30.83 -17.49 3.34
N TYR A 170 30.72 -18.08 2.14
CA TYR A 170 29.67 -19.07 1.89
C TYR A 170 29.74 -20.20 2.91
N THR A 171 30.94 -20.75 3.10
CA THR A 171 31.12 -21.86 4.04
C THR A 171 30.96 -21.42 5.49
N ALA A 172 31.46 -20.21 5.82
CA ALA A 172 31.30 -19.66 7.18
C ALA A 172 29.82 -19.51 7.50
N PHE A 173 29.04 -18.97 6.57
CA PHE A 173 27.60 -18.82 6.81
C PHE A 173 26.93 -20.16 7.00
N SER A 174 27.31 -21.16 6.18
CA SER A 174 26.71 -22.48 6.29
C SER A 174 27.05 -23.11 7.63
N ARG A 175 28.27 -22.87 8.10
CA ARG A 175 28.67 -23.39 9.41
C ARG A 175 27.88 -22.69 10.52
N LEU A 176 27.76 -21.37 10.42
CA LEU A 176 26.99 -20.63 11.41
C LEU A 176 25.55 -21.13 11.47
N THR A 177 24.90 -21.26 10.30
CA THR A 177 23.51 -21.67 10.30
C THR A 177 23.37 -23.08 10.85
N LEU A 178 24.31 -23.97 10.55
CA LEU A 178 24.20 -25.31 11.11
C LEU A 178 24.34 -25.29 12.63
N LEU A 179 25.33 -24.53 13.13
CA LEU A 179 25.49 -24.36 14.57
C LEU A 179 24.24 -23.78 15.23
N LEU A 180 23.68 -22.73 14.65
CA LEU A 180 22.50 -22.12 15.29
C LEU A 180 21.27 -23.01 15.17
N ARG A 181 21.08 -23.67 14.02
CA ARG A 181 19.99 -24.64 13.93
C ARG A 181 20.11 -25.71 15.02
N ALA A 182 21.32 -26.25 15.24
CA ALA A 182 21.51 -27.27 16.28
C ALA A 182 21.19 -26.70 17.66
N LEU A 183 21.63 -25.47 17.94
CA LEU A 183 21.37 -24.91 19.26
C LEU A 183 19.89 -24.61 19.44
N LYS A 184 19.19 -24.31 18.33
CA LYS A 184 17.75 -24.10 18.37
C LYS A 184 17.00 -25.40 18.61
N THR A 185 17.46 -26.50 18.01
N THR A 185 17.48 -26.50 18.02
CA THR A 185 16.71 -27.76 18.10
CA THR A 185 16.75 -27.77 18.09
C THR A 185 16.99 -28.48 19.42
C THR A 185 17.01 -28.48 19.41
N ASN A 186 18.24 -28.49 19.90
CA ASN A 186 18.54 -29.13 21.17
C ASN A 186 19.77 -28.42 21.76
N GLU A 187 19.51 -27.38 22.54
CA GLU A 187 20.57 -26.52 23.01
C GLU A 187 21.56 -27.28 23.89
N GLU A 188 21.05 -28.07 24.83
CA GLU A 188 21.95 -28.79 25.75
C GLU A 188 22.93 -29.65 24.99
N SER A 189 22.43 -30.48 24.08
CA SER A 189 23.30 -31.39 23.34
C SER A 189 24.26 -30.62 22.46
N ALA A 190 23.81 -29.53 21.86
CA ALA A 190 24.68 -28.75 20.99
C ALA A 190 25.85 -28.15 21.78
N LYS A 191 25.56 -27.63 22.97
CA LYS A 191 26.63 -27.08 23.81
C LYS A 191 27.52 -28.19 24.34
N MET A 192 26.91 -29.35 24.67
CA MET A 192 27.73 -30.51 25.01
CA MET A 192 27.70 -30.53 25.00
C MET A 192 28.73 -30.83 23.91
N ILE A 193 28.26 -30.87 22.64
CA ILE A 193 29.14 -31.16 21.51
C ILE A 193 30.24 -30.11 21.42
N LEU A 194 29.88 -28.85 21.57
CA LEU A 194 30.84 -27.77 21.37
C LEU A 194 31.88 -27.71 22.48
N LEU A 195 31.52 -28.10 23.70
CA LEU A 195 32.40 -27.95 24.85
C LEU A 195 32.93 -29.26 25.43
N SER A 196 32.41 -30.42 24.98
CA SER A 196 32.78 -31.69 25.56
C SER A 196 34.28 -31.79 25.83
N ASP A 197 35.10 -31.32 24.88
CA ASP A 197 36.53 -31.52 24.92
C ASP A 197 37.22 -30.36 25.63
N PRO A 198 37.74 -30.54 26.84
CA PRO A 198 38.31 -29.40 27.58
C PRO A 198 39.56 -28.79 26.95
N THR A 199 40.31 -29.54 26.15
CA THR A 199 41.56 -29.03 25.60
C THR A 199 41.36 -28.06 24.43
N ILE A 200 40.12 -27.91 23.95
CA ILE A 200 39.79 -26.92 22.93
C ILE A 200 38.98 -25.85 23.62
N THR A 201 39.49 -24.61 23.60
CA THR A 201 38.90 -23.54 24.38
C THR A 201 38.42 -22.43 23.46
N ILE A 202 37.63 -21.53 24.04
CA ILE A 202 37.17 -20.32 23.37
C ILE A 202 38.10 -19.18 23.77
N LYS A 203 38.78 -18.60 22.78
CA LYS A 203 39.64 -17.47 23.07
C LYS A 203 38.80 -16.35 23.67
N SER A 204 39.42 -15.56 24.55
CA SER A 204 38.76 -14.41 25.15
C SER A 204 38.10 -13.51 24.10
N TYR A 205 38.70 -13.39 22.93
CA TYR A 205 38.22 -12.49 21.89
C TYR A 205 37.30 -13.18 20.86
N HIS A 206 36.82 -14.40 21.17
CA HIS A 206 36.04 -15.22 20.26
C HIS A 206 34.72 -15.65 20.91
N LEU A 207 33.81 -16.11 20.08
CA LEU A 207 32.53 -16.66 20.55
C LEU A 207 32.50 -18.19 20.54
N TRP A 208 33.23 -18.81 19.62
CA TRP A 208 33.22 -20.25 19.44
C TRP A 208 34.60 -20.83 19.75
N PRO A 209 34.70 -22.15 19.95
CA PRO A 209 36.02 -22.76 20.22
C PRO A 209 36.96 -22.74 19.03
N SER A 210 38.25 -22.88 19.36
CA SER A 210 39.34 -22.77 18.40
C SER A 210 39.64 -24.13 17.75
N PHE A 211 38.65 -24.61 17.00
CA PHE A 211 38.75 -25.92 16.37
C PHE A 211 39.69 -25.89 15.17
N THR A 212 40.51 -26.94 15.03
CA THR A 212 41.22 -27.11 13.79
C THR A 212 40.23 -27.41 12.66
N ASP A 213 40.74 -27.35 11.43
CA ASP A 213 39.93 -27.68 10.27
C ASP A 213 39.35 -29.09 10.38
N GLU A 214 40.15 -30.06 10.81
CA GLU A 214 39.66 -31.43 10.93
C GLU A 214 38.61 -31.54 12.03
N GLN A 215 38.81 -30.82 13.15
CA GLN A 215 37.86 -30.87 14.25
C GLN A 215 36.55 -30.17 13.88
N TRP A 216 36.61 -29.15 13.03
CA TRP A 216 35.38 -28.52 12.54
C TRP A 216 34.58 -29.51 11.71
N ILE A 217 35.26 -30.34 10.92
CA ILE A 217 34.55 -31.38 10.18
C ILE A 217 33.85 -32.32 11.14
N THR A 218 34.55 -32.77 12.18
CA THR A 218 33.92 -33.65 13.15
C THR A 218 32.74 -32.95 13.83
N ILE A 219 32.96 -31.71 14.26
CA ILE A 219 31.90 -30.97 14.95
C ILE A 219 30.68 -30.85 14.06
N GLU A 220 30.89 -30.45 12.80
CA GLU A 220 29.77 -30.29 11.88
C GLU A 220 28.99 -31.59 11.70
N SER A 221 29.70 -32.72 11.58
N SER A 221 29.69 -32.73 11.57
CA SER A 221 29.01 -34.01 11.48
CA SER A 221 29.00 -34.01 11.47
C SER A 221 28.19 -34.30 12.72
C SER A 221 28.18 -34.29 12.72
N GLN A 222 28.76 -34.04 13.90
CA GLN A 222 28.02 -34.25 15.14
C GLN A 222 26.77 -33.37 15.20
N MET A 223 26.86 -32.14 14.71
CA MET A 223 25.68 -31.27 14.69
C MET A 223 24.60 -31.79 13.73
N ARG A 224 25.00 -32.23 12.54
N ARG A 224 25.01 -32.25 12.54
CA ARG A 224 24.03 -32.82 11.63
CA ARG A 224 24.03 -32.81 11.62
C ARG A 224 23.36 -34.03 12.27
C ARG A 224 23.38 -34.06 12.22
N ASP A 225 24.16 -34.87 12.95
CA ASP A 225 23.60 -36.04 13.64
CA ASP A 225 23.59 -36.03 13.63
C ASP A 225 22.60 -35.61 14.71
N LEU A 226 22.91 -34.55 15.46
CA LEU A 226 21.97 -34.06 16.47
C LEU A 226 20.65 -33.65 15.81
N ILE A 227 20.74 -32.88 14.73
CA ILE A 227 19.53 -32.41 14.06
C ILE A 227 18.74 -33.60 13.57
N LEU A 228 19.42 -34.54 12.91
CA LEU A 228 18.74 -35.73 12.43
C LEU A 228 18.15 -36.54 13.57
N THR A 229 18.93 -36.76 14.64
CA THR A 229 18.40 -37.45 15.81
C THR A 229 17.13 -36.79 16.33
N GLU A 230 17.15 -35.47 16.48
CA GLU A 230 15.97 -34.77 16.98
C GLU A 230 14.79 -34.89 16.02
N TYR A 231 15.07 -34.85 14.72
CA TYR A 231 13.99 -35.01 13.74
C TYR A 231 13.31 -36.36 13.94
N GLY A 232 14.10 -37.41 14.17
CA GLY A 232 13.51 -38.73 14.36
C GLY A 232 12.77 -38.83 15.68
N ARG A 233 13.28 -38.18 16.73
CA ARG A 233 12.56 -38.14 18.00
C ARG A 233 11.22 -37.42 17.85
N LYS A 234 11.21 -36.33 17.09
CA LYS A 234 9.99 -35.54 16.93
C LYS A 234 8.89 -36.29 16.20
N TYR A 235 9.22 -36.87 15.05
CA TYR A 235 8.24 -37.50 14.19
C TYR A 235 8.17 -39.01 14.36
N ASN A 236 8.92 -39.60 15.30
CA ASN A 236 8.88 -41.04 15.57
C ASN A 236 9.34 -41.83 14.34
N VAL A 237 10.47 -41.39 13.81
CA VAL A 237 11.09 -41.98 12.61
C VAL A 237 12.33 -42.79 12.98
N MET B 5 -34.04 24.59 -18.22
CA MET B 5 -33.53 23.33 -18.85
C MET B 5 -32.74 23.59 -20.15
N ASN B 6 -31.60 22.92 -20.32
CA ASN B 6 -30.71 23.17 -21.45
C ASN B 6 -30.65 21.95 -22.38
N THR B 7 -29.94 22.13 -23.49
CA THR B 7 -30.02 21.19 -24.62
C THR B 7 -28.64 21.00 -25.21
N VAL B 8 -28.32 19.76 -25.56
CA VAL B 8 -27.13 19.43 -26.35
C VAL B 8 -27.60 18.82 -27.67
N PRO B 9 -27.68 19.63 -28.71
CA PRO B 9 -28.06 19.11 -30.02
C PRO B 9 -26.93 18.31 -30.67
N PHE B 10 -27.32 17.44 -31.60
CA PHE B 10 -26.40 16.66 -32.43
C PHE B 10 -26.62 17.08 -33.87
N THR B 11 -25.54 17.37 -34.58
CA THR B 11 -25.65 17.59 -36.01
C THR B 11 -26.27 16.38 -36.71
N SER B 12 -25.75 15.21 -36.40
CA SER B 12 -26.25 13.90 -36.90
C SER B 12 -25.64 12.79 -36.06
N ALA B 13 -26.14 11.58 -36.25
CA ALA B 13 -25.67 10.31 -35.67
C ALA B 13 -25.22 9.40 -36.81
N PRO B 14 -24.05 9.60 -37.48
CA PRO B 14 -23.69 8.81 -38.66
C PRO B 14 -23.38 7.32 -38.41
N ILE B 15 -22.91 6.99 -37.21
CA ILE B 15 -22.55 5.60 -36.82
C ILE B 15 -23.40 5.15 -35.63
N GLU B 16 -23.76 3.88 -35.61
CA GLU B 16 -24.62 3.34 -34.53
C GLU B 16 -23.84 3.46 -33.21
N VAL B 17 -24.48 3.93 -32.16
CA VAL B 17 -23.73 4.15 -30.91
C VAL B 17 -24.69 4.07 -29.72
N THR B 18 -24.21 3.56 -28.60
CA THR B 18 -24.90 3.73 -27.32
C THR B 18 -24.47 5.06 -26.73
N ILE B 19 -25.46 5.92 -26.42
CA ILE B 19 -25.21 7.25 -25.89
C ILE B 19 -25.62 7.25 -24.43
N GLY B 20 -24.69 7.66 -23.57
CA GLY B 20 -24.97 7.87 -22.17
C GLY B 20 -25.18 9.37 -21.87
N ILE B 21 -26.12 9.67 -20.98
CA ILE B 21 -26.22 11.02 -20.45
C ILE B 21 -26.40 10.84 -18.94
N ASP B 22 -25.36 11.19 -18.20
CA ASP B 22 -25.32 10.93 -16.75
C ASP B 22 -25.58 9.43 -16.58
N GLN B 23 -26.47 9.02 -15.69
CA GLN B 23 -26.69 7.60 -15.40
C GLN B 23 -27.65 6.92 -16.38
N TYR B 24 -28.08 7.62 -17.42
CA TYR B 24 -29.02 7.07 -18.40
C TYR B 24 -28.28 6.70 -19.68
N SER B 25 -28.79 5.73 -20.41
CA SER B 25 -28.15 5.31 -21.67
C SER B 25 -29.24 4.88 -22.65
N PHE B 26 -29.04 5.11 -23.93
CA PHE B 26 -30.00 4.69 -24.98
C PHE B 26 -29.21 4.46 -26.26
N ASN B 27 -29.81 3.74 -27.20
CA ASN B 27 -29.15 3.30 -28.45
C ASN B 27 -29.64 4.10 -29.66
N VAL B 28 -28.75 4.54 -30.54
CA VAL B 28 -29.12 5.23 -31.80
C VAL B 28 -28.57 4.38 -32.96
N LYS B 29 -29.40 3.99 -33.94
CA LYS B 29 -29.07 3.09 -35.08
C LYS B 29 -28.50 3.93 -36.22
N GLU B 30 -27.60 3.30 -36.99
CA GLU B 30 -26.70 3.96 -37.98
C GLU B 30 -27.65 4.56 -39.01
N ASN B 31 -28.06 5.84 -38.78
CA ASN B 31 -28.99 6.72 -39.53
C ASN B 31 -30.41 6.50 -38.93
N GLN B 32 -30.98 7.49 -38.23
CA GLN B 32 -32.32 7.62 -37.55
C GLN B 32 -32.58 9.15 -37.42
N PRO B 33 -33.69 9.79 -36.92
CA PRO B 33 -33.75 11.26 -36.93
C PRO B 33 -33.21 11.86 -35.63
N PHE B 34 -32.04 11.44 -35.22
CA PHE B 34 -31.54 11.76 -33.88
C PHE B 34 -30.83 13.10 -33.90
N HIS B 35 -31.34 14.09 -33.17
CA HIS B 35 -30.70 15.41 -33.10
C HIS B 35 -30.50 15.90 -31.66
N GLY B 36 -30.31 15.04 -30.67
CA GLY B 36 -29.72 15.44 -29.41
C GLY B 36 -30.61 15.17 -28.21
N ILE B 37 -30.24 15.83 -27.12
CA ILE B 37 -30.82 15.63 -25.80
C ILE B 37 -31.28 16.97 -25.26
N LYS B 38 -32.54 17.02 -24.83
CA LYS B 38 -33.16 18.22 -24.28
C LYS B 38 -33.53 18.03 -22.82
N ASP B 39 -34.02 19.11 -22.21
CA ASP B 39 -34.50 19.09 -20.82
C ASP B 39 -33.42 18.66 -19.83
N ILE B 40 -32.18 19.04 -20.09
CA ILE B 40 -31.08 18.70 -19.19
C ILE B 40 -31.12 19.63 -17.98
N PRO B 41 -31.13 19.09 -16.76
CA PRO B 41 -31.27 19.94 -15.57
C PRO B 41 -30.11 20.92 -15.44
N ILE B 42 -30.46 22.20 -15.43
CA ILE B 42 -29.51 23.23 -15.09
C ILE B 42 -29.19 23.09 -13.61
N GLY B 43 -27.92 23.25 -13.29
CA GLY B 43 -27.47 23.34 -11.92
C GLY B 43 -26.51 22.28 -11.55
N HIS B 44 -26.26 21.32 -12.45
CA HIS B 44 -25.32 20.26 -12.17
C HIS B 44 -24.32 20.17 -13.31
N VAL B 45 -23.18 19.56 -13.03
N VAL B 45 -23.14 19.64 -13.01
CA VAL B 45 -22.30 19.09 -14.10
CA VAL B 45 -22.34 19.13 -14.14
C VAL B 45 -22.88 17.81 -14.69
C VAL B 45 -23.05 17.92 -14.76
N HIS B 46 -22.68 17.62 -16.00
CA HIS B 46 -23.23 16.46 -16.70
C HIS B 46 -22.12 15.79 -17.47
N VAL B 47 -22.35 14.55 -17.85
CA VAL B 47 -21.43 13.83 -18.73
C VAL B 47 -22.24 13.20 -19.84
N ILE B 48 -21.79 13.40 -21.09
N ILE B 48 -21.86 13.48 -21.09
CA ILE B 48 -22.39 12.74 -22.23
CA ILE B 48 -22.38 12.76 -22.24
C ILE B 48 -21.32 11.80 -22.78
C ILE B 48 -21.29 11.78 -22.65
N HIS B 49 -21.68 10.53 -22.88
CA HIS B 49 -20.68 9.51 -23.19
C HIS B 49 -21.14 8.54 -24.27
N PHE B 50 -20.16 7.79 -24.84
CA PHE B 50 -20.35 7.09 -26.08
C PHE B 50 -19.64 5.74 -26.05
N GLN B 51 -20.33 4.73 -26.59
CA GLN B 51 -19.70 3.45 -26.90
C GLN B 51 -20.20 3.01 -28.27
N HIS B 52 -19.29 2.84 -29.20
CA HIS B 52 -19.71 2.57 -30.58
C HIS B 52 -20.19 1.13 -30.70
N ALA B 53 -21.23 0.93 -31.51
CA ALA B 53 -21.85 -0.37 -31.64
C ALA B 53 -20.90 -1.36 -32.28
N ASP B 54 -20.12 -0.90 -33.25
CA ASP B 54 -19.22 -1.76 -34.00
C ASP B 54 -17.82 -1.83 -33.40
N ASN B 55 -17.56 -1.13 -32.30
CA ASN B 55 -16.24 -1.22 -31.67
C ASN B 55 -16.40 -0.71 -30.24
N SER B 56 -16.71 -1.63 -29.33
CA SER B 56 -16.91 -1.24 -27.94
C SER B 56 -15.60 -0.76 -27.30
N SER B 57 -14.47 -0.92 -27.99
CA SER B 57 -13.21 -0.33 -27.57
C SER B 57 -13.40 1.18 -27.41
N MET B 58 -12.64 1.75 -26.50
N MET B 58 -12.71 1.74 -26.42
CA MET B 58 -12.85 3.15 -26.15
CA MET B 58 -12.76 3.14 -26.08
C MET B 58 -14.32 3.48 -25.86
C MET B 58 -14.16 3.69 -25.78
N ARG B 59 -14.69 3.43 -24.58
CA ARG B 59 -15.75 4.31 -24.11
C ARG B 59 -15.10 5.69 -24.05
N TYR B 60 -15.83 6.76 -24.38
CA TYR B 60 -15.26 8.10 -24.26
C TYR B 60 -16.44 9.06 -24.02
N GLY B 61 -16.14 10.25 -23.52
CA GLY B 61 -17.21 11.19 -23.22
C GLY B 61 -16.70 12.55 -22.83
N TYR B 62 -17.65 13.42 -22.43
CA TYR B 62 -17.38 14.82 -22.22
C TYR B 62 -18.13 15.28 -21.00
N TRP B 63 -17.38 15.86 -20.06
CA TRP B 63 -17.96 16.55 -18.91
C TRP B 63 -18.20 18.00 -19.28
N PHE B 64 -19.38 18.51 -18.91
CA PHE B 64 -19.78 19.86 -19.29
C PHE B 64 -20.80 20.39 -18.30
N ASP B 65 -21.02 21.70 -18.39
CA ASP B 65 -22.01 22.41 -17.57
C ASP B 65 -22.67 23.43 -18.48
N CYS B 66 -23.98 23.26 -18.72
CA CYS B 66 -24.69 24.06 -19.71
C CYS B 66 -24.71 25.54 -19.34
N ARG B 67 -24.33 25.89 -18.11
CA ARG B 67 -24.25 27.30 -17.72
C ARG B 67 -23.01 27.99 -18.26
N MET B 68 -22.03 27.23 -18.76
N MET B 68 -22.03 27.22 -18.76
CA MET B 68 -20.76 27.80 -19.22
CA MET B 68 -20.75 27.77 -19.21
C MET B 68 -20.68 27.97 -20.73
C MET B 68 -20.70 28.01 -20.71
N GLY B 69 -21.73 27.63 -21.46
CA GLY B 69 -21.72 27.81 -22.90
C GLY B 69 -22.74 26.93 -23.57
N ASN B 70 -22.86 27.13 -24.89
CA ASN B 70 -23.74 26.34 -25.75
C ASN B 70 -22.92 25.25 -26.43
N PHE B 71 -23.21 23.98 -26.11
CA PHE B 71 -22.41 22.87 -26.60
C PHE B 71 -23.26 21.95 -27.49
N TYR B 72 -22.61 21.36 -28.50
CA TYR B 72 -23.27 20.42 -29.36
C TYR B 72 -22.29 19.30 -29.69
N ILE B 73 -22.82 18.24 -30.27
CA ILE B 73 -22.05 17.08 -30.72
C ILE B 73 -22.09 16.97 -32.23
N GLN B 74 -20.92 16.65 -32.81
CA GLN B 74 -20.80 16.41 -34.24
C GLN B 74 -19.83 15.27 -34.46
N TYR B 75 -20.23 14.31 -35.28
CA TYR B 75 -19.34 13.19 -35.58
C TYR B 75 -18.21 13.67 -36.50
N ASP B 76 -16.99 13.24 -36.19
CA ASP B 76 -15.80 13.47 -37.04
C ASP B 76 -15.39 12.18 -37.74
N PRO B 77 -15.57 12.09 -39.06
CA PRO B 77 -15.25 10.82 -39.74
C PRO B 77 -13.76 10.56 -39.90
N LYS B 78 -12.91 11.57 -39.68
CA LYS B 78 -11.46 11.34 -39.78
C LYS B 78 -10.95 10.72 -38.49
N ASP B 79 -11.29 11.34 -37.35
CA ASP B 79 -10.88 10.80 -36.07
C ASP B 79 -11.83 9.75 -35.54
N GLY B 80 -12.98 9.57 -36.17
CA GLY B 80 -13.86 8.45 -35.91
C GLY B 80 -14.52 8.52 -34.55
N LEU B 81 -14.91 9.71 -34.12
CA LEU B 81 -15.64 9.81 -32.86
C LEU B 81 -16.59 11.00 -32.86
N TYR B 82 -17.57 10.91 -31.96
CA TYR B 82 -18.42 12.06 -31.68
C TYR B 82 -17.68 13.09 -30.85
N LYS B 83 -17.60 14.32 -31.35
CA LYS B 83 -16.86 15.38 -30.70
C LYS B 83 -17.81 16.44 -30.15
N MET B 84 -17.50 16.91 -28.94
CA MET B 84 -18.22 18.06 -28.40
C MET B 84 -17.56 19.33 -28.92
N MET B 85 -18.38 20.31 -29.24
CA MET B 85 -17.92 21.61 -29.69
C MET B 85 -18.78 22.70 -29.03
N GLU B 86 -18.22 23.91 -28.99
CA GLU B 86 -18.96 25.07 -28.48
C GLU B 86 -19.41 25.91 -29.67
N GLU B 87 -20.66 26.36 -29.62
CA GLU B 87 -21.22 27.28 -30.60
C GLU B 87 -21.22 28.66 -29.96
N ARG B 88 -20.45 29.58 -30.54
CA ARG B 88 -20.37 30.93 -30.00
C ARG B 88 -21.47 31.85 -30.51
N ASP B 89 -22.08 31.52 -31.66
CA ASP B 89 -23.22 32.27 -32.21
C ASP B 89 -24.49 31.85 -31.48
N GLY B 90 -24.87 32.62 -30.46
CA GLY B 90 -26.01 32.26 -29.62
C GLY B 90 -27.33 32.21 -30.35
N ALA B 91 -27.51 33.08 -31.36
CA ALA B 91 -28.79 33.12 -32.08
C ALA B 91 -28.90 31.95 -33.06
N LYS B 92 -27.78 31.58 -33.65
CA LYS B 92 -27.74 30.36 -34.46
C LYS B 92 -28.12 29.14 -33.62
N PHE B 93 -27.48 28.99 -32.47
CA PHE B 93 -27.72 27.83 -31.61
C PHE B 93 -29.18 27.75 -31.20
N GLU B 94 -29.78 28.88 -30.78
CA GLU B 94 -31.16 28.85 -30.29
C GLU B 94 -32.13 28.47 -31.41
N ASN B 95 -31.85 28.90 -32.64
CA ASN B 95 -32.73 28.56 -33.77
C ASN B 95 -32.59 27.10 -34.17
N ILE B 96 -31.37 26.57 -34.13
CA ILE B 96 -31.16 25.15 -34.38
C ILE B 96 -31.91 24.30 -33.36
N VAL B 97 -31.74 24.62 -32.08
CA VAL B 97 -32.41 23.87 -31.01
C VAL B 97 -33.93 23.98 -31.15
N HIS B 98 -34.43 25.18 -31.41
CA HIS B 98 -35.88 25.35 -31.53
C HIS B 98 -36.45 24.46 -32.62
N ASN B 99 -35.80 24.40 -33.79
CA ASN B 99 -36.28 23.58 -34.90
C ASN B 99 -36.30 22.10 -34.52
N PHE B 100 -35.18 21.57 -34.01
CA PHE B 100 -35.14 20.17 -33.59
C PHE B 100 -36.21 19.87 -32.54
N LYS B 101 -36.45 20.80 -31.62
CA LYS B 101 -37.50 20.60 -30.60
C LYS B 101 -38.88 20.60 -31.24
N GLU B 102 -39.14 21.56 -32.13
CA GLU B 102 -40.42 21.60 -32.83
C GLU B 102 -40.64 20.32 -33.64
N ARG B 103 -39.57 19.64 -34.03
CA ARG B 103 -39.62 18.40 -34.82
C ARG B 103 -39.58 17.15 -33.93
N GLN B 104 -39.57 17.30 -32.62
CA GLN B 104 -39.49 16.18 -31.65
C GLN B 104 -38.33 15.26 -32.02
N MET B 105 -37.18 15.81 -32.40
CA MET B 105 -35.99 15.06 -32.84
C MET B 105 -34.95 15.01 -31.72
N MET B 106 -35.33 15.37 -30.52
CA MET B 106 -34.40 15.21 -29.41
C MET B 106 -35.01 14.26 -28.39
N VAL B 107 -34.22 13.39 -27.75
CA VAL B 107 -34.69 12.56 -26.63
C VAL B 107 -34.73 13.47 -25.41
N SER B 108 -35.60 13.20 -24.46
CA SER B 108 -35.71 14.00 -23.23
C SER B 108 -34.83 13.42 -22.11
N TYR B 109 -34.04 14.24 -21.42
CA TYR B 109 -33.35 13.76 -20.22
C TYR B 109 -34.38 13.15 -19.27
N PRO B 110 -34.27 11.87 -18.95
CA PRO B 110 -35.45 11.18 -18.42
C PRO B 110 -35.48 11.15 -16.89
N LYS B 111 -35.52 12.35 -16.30
CA LYS B 111 -35.44 12.46 -14.85
C LYS B 111 -36.82 12.27 -14.24
N ILE B 112 -36.89 11.37 -13.26
CA ILE B 112 -38.07 11.20 -12.41
C ILE B 112 -38.06 12.29 -11.34
N ASP B 113 -39.24 12.89 -11.08
CA ASP B 113 -39.30 14.02 -10.14
C ASP B 113 -38.71 13.64 -8.77
N GLU B 114 -39.07 12.47 -8.26
CA GLU B 114 -38.61 12.02 -6.95
C GLU B 114 -37.12 11.78 -6.88
N ASP B 115 -36.42 11.79 -8.01
CA ASP B 115 -35.12 11.15 -8.11
C ASP B 115 -33.98 12.16 -7.97
N ASP B 116 -33.29 12.10 -6.82
CA ASP B 116 -32.14 12.93 -6.55
C ASP B 116 -30.80 12.25 -6.85
N THR B 117 -30.83 11.11 -7.54
CA THR B 117 -29.61 10.34 -7.76
C THR B 117 -28.46 11.19 -8.28
N TRP B 118 -28.71 11.96 -9.36
CA TRP B 118 -27.58 12.67 -9.97
C TRP B 118 -27.02 13.75 -9.06
N TYR B 119 -27.87 14.53 -8.39
CA TYR B 119 -27.37 15.45 -7.39
C TYR B 119 -26.55 14.72 -6.33
N ASN B 120 -27.02 13.56 -5.88
CA ASN B 120 -26.33 12.86 -4.81
C ASN B 120 -24.99 12.31 -5.27
N LEU B 121 -24.80 12.12 -6.56
CA LEU B 121 -23.51 11.64 -7.05
C LEU B 121 -22.56 12.77 -7.42
N THR B 122 -23.07 14.00 -7.61
CA THR B 122 -22.27 15.11 -8.09
C THR B 122 -22.30 16.30 -7.15
N GLU B 123 -22.73 16.11 -5.89
CA GLU B 123 -22.95 17.20 -4.97
C GLU B 123 -21.74 18.15 -4.90
N PHE B 124 -20.53 17.59 -4.84
CA PHE B 124 -19.32 18.37 -4.64
C PHE B 124 -18.50 18.54 -5.91
N VAL B 125 -18.99 18.09 -7.05
CA VAL B 125 -18.23 18.12 -8.29
C VAL B 125 -18.50 19.44 -9.00
N GLN B 126 -17.42 20.16 -9.36
N GLN B 126 -17.41 20.15 -9.34
CA GLN B 126 -17.53 21.45 -10.02
CA GLN B 126 -17.46 21.44 -10.01
C GLN B 126 -16.70 21.46 -11.29
C GLN B 126 -16.72 21.38 -11.33
N MET B 127 -17.25 22.05 -12.36
CA MET B 127 -16.55 22.10 -13.65
C MET B 127 -15.15 22.66 -13.51
N ASP B 128 -14.97 23.70 -12.70
CA ASP B 128 -13.65 24.31 -12.60
C ASP B 128 -12.63 23.30 -12.09
N LYS B 129 -13.03 22.42 -11.17
CA LYS B 129 -12.09 21.44 -10.64
C LYS B 129 -11.86 20.30 -11.62
N ILE B 130 -12.91 19.89 -12.35
CA ILE B 130 -12.74 18.93 -13.43
C ILE B 130 -11.68 19.41 -14.41
N ARG B 131 -11.72 20.70 -14.76
CA ARG B 131 -10.80 21.20 -15.79
C ARG B 131 -9.37 21.31 -15.31
N LYS B 132 -9.12 21.25 -13.99
CA LYS B 132 -7.76 21.14 -13.47
C LYS B 132 -7.28 19.70 -13.42
N ILE B 133 -8.19 18.74 -13.29
CA ILE B 133 -7.79 17.35 -13.37
C ILE B 133 -7.54 16.96 -14.83
N VAL B 134 -8.38 17.46 -15.75
CA VAL B 134 -8.30 17.14 -17.19
C VAL B 134 -7.87 18.40 -17.93
N ARG B 135 -6.62 18.47 -18.37
CA ARG B 135 -6.02 19.73 -18.84
C ARG B 135 -6.15 19.86 -20.35
N LYS B 136 -7.09 20.72 -20.78
CA LYS B 136 -7.27 21.10 -22.18
C LYS B 136 -7.93 22.48 -22.19
N ASP B 137 -7.10 23.51 -22.02
CA ASP B 137 -7.61 24.80 -21.55
C ASP B 137 -8.43 25.56 -22.59
N GLU B 138 -8.34 25.19 -23.87
CA GLU B 138 -9.07 25.93 -24.89
C GLU B 138 -10.54 25.54 -24.97
N ASN B 139 -10.95 24.50 -24.25
CA ASN B 139 -12.35 24.07 -24.24
C ASN B 139 -12.94 24.25 -22.84
N GLN B 140 -14.23 24.57 -22.81
CA GLN B 140 -14.98 24.69 -21.55
C GLN B 140 -15.50 23.35 -21.02
N PHE B 141 -15.36 22.28 -21.80
CA PHE B 141 -15.79 20.94 -21.47
C PHE B 141 -14.54 20.06 -21.47
N SER B 142 -14.64 18.87 -20.87
CA SER B 142 -13.48 18.00 -20.63
C SER B 142 -13.70 16.59 -21.15
N TYR B 143 -12.81 16.15 -22.03
CA TYR B 143 -12.85 14.81 -22.60
C TYR B 143 -12.18 13.81 -21.69
N VAL B 144 -12.85 12.68 -21.48
CA VAL B 144 -12.28 11.55 -20.74
C VAL B 144 -12.61 10.26 -21.49
N ASP B 145 -11.70 9.27 -21.41
CA ASP B 145 -12.00 7.97 -22.01
C ASP B 145 -11.45 6.83 -21.18
N SER B 146 -11.69 5.61 -21.66
CA SER B 146 -11.44 4.41 -20.88
C SER B 146 -9.93 4.20 -20.64
N SER B 147 -9.09 4.65 -21.55
CA SER B 147 -7.67 4.30 -21.50
C SER B 147 -6.76 5.37 -20.89
N MET B 148 -7.27 6.58 -20.64
CA MET B 148 -6.44 7.63 -20.07
C MET B 148 -5.84 7.19 -18.75
N THR B 149 -4.54 7.44 -18.59
CA THR B 149 -3.84 7.11 -17.36
C THR B 149 -3.80 8.31 -16.41
N THR B 150 -3.52 8.02 -15.15
CA THR B 150 -3.36 9.07 -14.16
C THR B 150 -1.89 9.44 -14.00
N VAL B 151 -1.66 10.65 -13.48
CA VAL B 151 -0.29 11.10 -13.20
C VAL B 151 0.46 10.06 -12.36
N GLN B 152 -0.21 9.49 -11.37
CA GLN B 152 0.46 8.48 -10.54
C GLN B 152 0.75 7.22 -11.33
N GLU B 153 -0.19 6.81 -12.20
CA GLU B 153 0.05 5.64 -13.04
C GLU B 153 1.26 5.86 -13.95
N ASN B 154 1.47 7.10 -14.42
CA ASN B 154 2.59 7.41 -15.30
C ASN B 154 3.92 7.40 -14.53
N GLU B 155 3.92 7.85 -13.27
CA GLU B 155 5.14 7.85 -12.47
C GLU B 155 5.63 6.44 -12.19
N LEU B 156 4.74 5.45 -12.22
CA LEU B 156 5.09 4.08 -11.88
C LEU B 156 5.34 3.25 -13.13
N SER B 161 1.88 7.38 -21.72
CA SER B 161 2.83 8.18 -20.97
C SER B 161 2.88 9.61 -21.48
N ASP B 162 1.88 9.98 -22.30
CA ASP B 162 1.74 11.33 -22.83
C ASP B 162 1.12 12.23 -21.78
N PRO B 163 1.88 13.14 -21.16
CA PRO B 163 1.33 13.90 -20.01
C PRO B 163 0.15 14.79 -20.36
N ALA B 164 -0.02 15.21 -21.62
CA ALA B 164 -1.10 16.12 -21.96
C ALA B 164 -2.47 15.43 -21.89
N HIS B 165 -2.50 14.12 -22.07
CA HIS B 165 -3.72 13.32 -22.11
C HIS B 165 -3.93 12.54 -20.82
N SER B 166 -3.47 13.06 -19.69
CA SER B 166 -3.51 12.34 -18.43
C SER B 166 -4.61 12.87 -17.53
N LEU B 167 -4.92 12.10 -16.50
CA LEU B 167 -5.83 12.50 -15.44
C LEU B 167 -4.95 12.93 -14.25
N ASN B 168 -4.95 14.21 -13.94
N ASN B 168 -4.98 14.22 -13.94
CA ASN B 168 -4.11 14.77 -12.88
CA ASN B 168 -4.14 14.81 -12.89
C ASN B 168 -4.83 14.76 -11.53
C ASN B 168 -4.86 14.77 -11.54
N TYR B 169 -5.22 13.56 -11.12
CA TYR B 169 -5.71 13.38 -9.76
C TYR B 169 -4.59 13.68 -8.75
N THR B 170 -4.99 13.98 -7.53
CA THR B 170 -4.01 14.23 -6.48
C THR B 170 -3.38 12.92 -6.07
N VAL B 171 -2.05 12.85 -6.08
CA VAL B 171 -1.38 11.59 -5.80
C VAL B 171 -1.47 11.27 -4.32
N ILE B 172 -1.94 10.06 -4.01
CA ILE B 172 -2.03 9.55 -2.65
C ILE B 172 -1.15 8.31 -2.54
N ASN B 173 -0.21 8.31 -1.60
CA ASN B 173 0.75 7.21 -1.50
C ASN B 173 1.11 7.07 -0.03
N PHE B 174 0.62 6.00 0.59
CA PHE B 174 0.78 5.83 2.02
C PHE B 174 2.24 5.61 2.45
N LYS B 175 3.11 5.12 1.57
CA LYS B 175 4.52 4.96 1.90
C LYS B 175 5.32 5.97 1.10
N SER B 176 5.11 7.24 1.43
CA SER B 176 5.81 8.35 0.81
C SER B 176 6.21 9.34 1.90
N ARG B 177 7.26 10.10 1.63
CA ARG B 177 7.69 11.07 2.63
C ARG B 177 6.60 12.10 2.89
N GLU B 178 5.74 12.38 1.90
CA GLU B 178 4.64 13.30 2.16
C GLU B 178 3.70 12.77 3.23
N ALA B 179 3.51 11.45 3.26
CA ALA B 179 2.53 10.85 4.17
C ALA B 179 3.06 10.63 5.59
N ILE B 180 4.37 10.75 5.81
CA ILE B 180 5.01 10.23 7.01
C ILE B 180 5.98 11.28 7.50
N ARG B 181 5.70 11.86 8.67
CA ARG B 181 6.61 12.84 9.28
C ARG B 181 7.84 12.13 9.82
N PRO B 182 9.04 12.58 9.47
CA PRO B 182 10.24 12.08 10.16
C PRO B 182 9.99 12.12 11.66
N GLY B 183 10.35 11.03 12.33
CA GLY B 183 10.13 10.94 13.76
C GLY B 183 8.77 10.47 14.18
N HIS B 184 7.78 10.45 13.28
CA HIS B 184 6.46 9.95 13.61
C HIS B 184 6.08 8.79 12.71
N GLU B 185 7.07 7.94 12.38
CA GLU B 185 6.88 6.88 11.39
C GLU B 185 5.75 5.94 11.79
N MET B 186 5.80 5.36 12.99
CA MET B 186 4.77 4.39 13.35
C MET B 186 3.42 5.09 13.46
N GLU B 187 3.42 6.22 14.14
CA GLU B 187 2.20 6.98 14.35
C GLU B 187 1.53 7.30 13.03
N ASP B 188 2.29 7.85 12.08
CA ASP B 188 1.67 8.31 10.84
C ASP B 188 1.33 7.16 9.90
N PHE B 189 2.01 6.02 10.00
CA PHE B 189 1.68 4.90 9.12
C PHE B 189 0.42 4.19 9.62
N LEU B 190 0.26 4.04 10.94
CA LEU B 190 -0.88 3.31 11.49
C LEU B 190 -2.11 4.20 11.62
N ASP B 191 -1.92 5.52 11.63
CA ASP B 191 -2.98 6.52 11.78
C ASP B 191 -2.72 7.61 10.74
N LYS B 192 -3.52 7.60 9.67
CA LYS B 192 -3.30 8.53 8.57
C LYS B 192 -3.81 9.96 8.82
N SER B 193 -4.19 10.33 10.06
CA SER B 193 -4.84 11.62 10.29
C SER B 193 -3.99 12.81 9.86
N TYR B 194 -2.67 12.76 10.05
N TYR B 194 -2.67 12.75 10.10
N TYR B 194 -2.67 12.75 10.08
CA TYR B 194 -1.86 13.90 9.65
CA TYR B 194 -1.76 13.80 9.66
CA TYR B 194 -1.82 13.86 9.66
C TYR B 194 -1.83 14.04 8.13
C TYR B 194 -1.88 14.00 8.16
C TYR B 194 -1.86 14.02 8.14
N TYR B 195 -1.70 12.92 7.42
CA TYR B 195 -1.76 12.96 5.96
C TYR B 195 -3.12 13.46 5.49
N LEU B 196 -4.20 13.00 6.12
CA LEU B 196 -5.53 13.46 5.70
C LEU B 196 -5.74 14.94 6.04
N ASN B 197 -5.52 15.32 7.29
CA ASN B 197 -5.99 16.63 7.75
C ASN B 197 -5.00 17.74 7.43
N THR B 198 -3.71 17.52 7.66
CA THR B 198 -2.75 18.59 7.42
C THR B 198 -2.28 18.62 5.97
N VAL B 199 -1.82 17.47 5.43
CA VAL B 199 -1.25 17.46 4.10
C VAL B 199 -2.36 17.66 3.06
N MET B 200 -3.38 16.82 3.09
CA MET B 200 -4.35 16.80 2.00
C MET B 200 -5.41 17.89 2.19
N LEU B 201 -6.13 17.86 3.31
CA LEU B 201 -7.23 18.80 3.52
C LEU B 201 -6.74 20.24 3.68
N GLN B 202 -5.90 20.51 4.68
N GLN B 202 -5.91 20.51 4.67
CA GLN B 202 -5.42 21.88 4.88
CA GLN B 202 -5.43 21.88 4.86
C GLN B 202 -4.47 22.28 3.76
C GLN B 202 -4.48 22.28 3.72
N GLY B 203 -3.56 21.39 3.37
CA GLY B 203 -2.52 21.69 2.39
C GLY B 203 -2.93 21.75 0.93
N ILE B 204 -3.52 20.69 0.40
CA ILE B 204 -3.70 20.53 -1.03
C ILE B 204 -5.12 20.90 -1.47
N PHE B 205 -6.13 20.35 -0.80
CA PHE B 205 -7.52 20.52 -1.21
C PHE B 205 -8.15 21.79 -0.66
N LYS B 206 -7.67 22.27 0.49
CA LYS B 206 -8.16 23.46 1.17
C LYS B 206 -9.43 23.17 1.99
N ASN B 207 -10.31 22.26 1.54
CA ASN B 207 -11.51 21.96 2.31
C ASN B 207 -12.05 20.60 1.89
N SER B 208 -12.96 20.07 2.70
CA SER B 208 -13.47 18.73 2.45
C SER B 208 -14.36 18.69 1.21
N SER B 209 -14.96 19.82 0.82
CA SER B 209 -15.78 19.81 -0.38
C SER B 209 -14.97 19.52 -1.64
N ASN B 210 -13.77 20.11 -1.76
CA ASN B 210 -12.94 19.81 -2.92
C ASN B 210 -12.45 18.36 -2.90
N TYR B 211 -12.12 17.84 -1.70
CA TYR B 211 -11.74 16.43 -1.57
C TYR B 211 -12.86 15.53 -2.08
N PHE B 212 -14.08 15.76 -1.57
CA PHE B 212 -15.22 14.95 -1.97
C PHE B 212 -15.52 15.11 -3.45
N GLY B 213 -15.30 16.30 -4.00
CA GLY B 213 -15.53 16.51 -5.43
C GLY B 213 -14.65 15.62 -6.29
N GLU B 214 -13.36 15.55 -5.96
CA GLU B 214 -12.45 14.70 -6.70
C GLU B 214 -12.77 13.23 -6.48
N LEU B 215 -13.15 12.85 -5.24
CA LEU B 215 -13.58 11.49 -4.96
C LEU B 215 -14.79 11.09 -5.82
N GLN B 216 -15.78 11.97 -5.91
CA GLN B 216 -16.97 11.69 -6.70
C GLN B 216 -16.65 11.60 -8.19
N PHE B 217 -15.82 12.51 -8.70
CA PHE B 217 -15.40 12.52 -10.10
C PHE B 217 -14.67 11.23 -10.44
N ALA B 218 -13.77 10.80 -9.54
CA ALA B 218 -13.06 9.56 -9.79
C ALA B 218 -14.02 8.38 -9.90
N PHE B 219 -15.00 8.29 -9.01
CA PHE B 219 -15.95 7.20 -9.08
C PHE B 219 -16.72 7.23 -10.41
N LEU B 220 -17.18 8.40 -10.82
CA LEU B 220 -17.99 8.49 -12.02
C LEU B 220 -17.19 8.13 -13.27
N ASN B 221 -15.91 8.52 -13.32
CA ASN B 221 -15.08 8.12 -14.47
CA ASN B 221 -15.05 8.12 -14.44
C ASN B 221 -14.82 6.63 -14.45
N ALA B 222 -14.63 6.04 -13.26
CA ALA B 222 -14.50 4.57 -13.21
C ALA B 222 -15.77 3.89 -13.70
N MET B 223 -16.93 4.34 -13.23
CA MET B 223 -18.18 3.67 -13.58
C MET B 223 -18.55 3.88 -15.05
N PHE B 224 -18.46 5.12 -15.54
CA PHE B 224 -18.96 5.38 -16.89
C PHE B 224 -17.97 5.03 -18.00
N PHE B 225 -16.68 5.04 -17.72
CA PHE B 225 -15.68 4.71 -18.75
C PHE B 225 -14.91 3.43 -18.48
N GLY B 226 -15.10 2.82 -17.31
CA GLY B 226 -14.24 1.71 -16.93
C GLY B 226 -12.79 2.12 -16.78
N ASN B 227 -12.55 3.34 -16.37
CA ASN B 227 -11.21 3.88 -16.26
C ASN B 227 -10.55 3.35 -15.00
N TYR B 228 -9.52 2.51 -15.19
CA TYR B 228 -8.92 1.81 -14.06
C TYR B 228 -8.23 2.76 -13.09
N GLY B 229 -7.47 3.73 -13.60
CA GLY B 229 -6.77 4.65 -12.71
C GLY B 229 -7.73 5.49 -11.87
N SER B 230 -8.89 5.80 -12.43
CA SER B 230 -9.93 6.47 -11.63
C SER B 230 -10.44 5.58 -10.52
N SER B 231 -10.63 4.29 -10.79
CA SER B 231 -11.07 3.40 -9.74
C SER B 231 -10.05 3.33 -8.61
N LEU B 232 -8.75 3.31 -8.97
CA LEU B 232 -7.71 3.32 -7.95
C LEU B 232 -7.79 4.57 -7.08
N GLN B 233 -7.99 5.75 -7.70
CA GLN B 233 -8.07 7.00 -6.97
C GLN B 233 -9.24 7.01 -6.02
N TRP B 234 -10.41 6.54 -6.50
CA TRP B 234 -11.61 6.51 -5.67
C TRP B 234 -11.34 5.70 -4.41
N HIS B 235 -10.77 4.49 -4.58
CA HIS B 235 -10.54 3.66 -3.40
C HIS B 235 -9.46 4.27 -2.48
N ALA B 236 -8.43 4.89 -3.06
CA ALA B 236 -7.39 5.53 -2.25
C ALA B 236 -7.97 6.63 -1.36
N MET B 237 -8.84 7.46 -1.92
CA MET B 237 -9.43 8.56 -1.17
C MET B 237 -10.38 8.07 -0.09
N ILE B 238 -11.04 6.94 -0.32
CA ILE B 238 -11.85 6.34 0.74
C ILE B 238 -10.96 5.81 1.86
N GLU B 239 -9.97 5.00 1.50
CA GLU B 239 -9.11 4.38 2.49
C GLU B 239 -8.36 5.41 3.31
N LEU B 240 -7.97 6.54 2.70
CA LEU B 240 -7.31 7.59 3.47
C LEU B 240 -8.20 8.11 4.61
N ILE B 241 -9.50 8.30 4.37
CA ILE B 241 -10.39 8.74 5.44
C ILE B 241 -10.60 7.64 6.45
N CYS B 242 -10.89 6.42 6.00
CA CYS B 242 -11.24 5.33 6.92
C CYS B 242 -10.07 4.95 7.81
N SER B 243 -8.85 5.12 7.31
CA SER B 243 -7.61 4.81 8.02
C SER B 243 -7.09 5.94 8.89
N SER B 244 -7.88 7.01 9.08
CA SER B 244 -7.53 8.12 9.96
C SER B 244 -8.38 8.07 11.23
N ALA B 245 -7.71 8.11 12.39
CA ALA B 245 -8.47 8.08 13.63
C ALA B 245 -9.20 9.39 13.90
N THR B 246 -8.74 10.49 13.33
CA THR B 246 -9.31 11.81 13.63
C THR B 246 -9.85 12.39 12.34
N VAL B 247 -11.18 12.37 12.20
CA VAL B 247 -11.86 12.94 11.03
C VAL B 247 -13.03 13.79 11.51
N PRO B 248 -13.18 15.02 11.04
CA PRO B 248 -14.36 15.81 11.42
C PRO B 248 -15.66 15.04 11.23
N LYS B 249 -16.54 15.12 12.22
CA LYS B 249 -17.72 14.26 12.24
C LYS B 249 -18.61 14.53 11.04
N HIS B 250 -18.60 15.78 10.54
CA HIS B 250 -19.43 16.09 9.38
C HIS B 250 -18.89 15.43 8.13
N MET B 251 -17.57 15.25 8.06
CA MET B 251 -17.00 14.55 6.91
C MET B 251 -17.41 13.08 6.90
N LEU B 252 -17.38 12.43 8.05
CA LEU B 252 -17.77 11.04 8.13
C LEU B 252 -19.23 10.87 7.72
N ASP B 253 -20.11 11.70 8.28
CA ASP B 253 -21.52 11.60 7.89
C ASP B 253 -21.72 11.85 6.40
N LYS B 254 -21.01 12.85 5.86
CA LYS B 254 -21.16 13.11 4.43
C LYS B 254 -20.57 11.97 3.58
N LEU B 255 -19.38 11.45 3.95
CA LEU B 255 -18.83 10.28 3.23
C LEU B 255 -19.83 9.13 3.20
N ASP B 256 -20.48 8.84 4.33
CA ASP B 256 -21.42 7.72 4.36
C ASP B 256 -22.51 7.92 3.31
N GLU B 257 -22.99 9.16 3.15
CA GLU B 257 -24.03 9.44 2.16
C GLU B 257 -23.47 9.31 0.76
N ILE B 258 -22.27 9.87 0.54
CA ILE B 258 -21.64 9.79 -0.78
C ILE B 258 -21.51 8.35 -1.22
N LEU B 259 -20.97 7.50 -0.34
CA LEU B 259 -20.69 6.13 -0.73
C LEU B 259 -21.98 5.34 -0.92
N TYR B 260 -22.97 5.60 -0.08
CA TYR B 260 -24.26 4.95 -0.20
C TYR B 260 -24.81 5.12 -1.59
N TYR B 261 -24.85 6.35 -2.10
CA TYR B 261 -25.42 6.57 -3.42
C TYR B 261 -24.55 6.00 -4.53
N GLN B 262 -23.23 5.95 -4.33
CA GLN B 262 -22.37 5.34 -5.34
C GLN B 262 -22.63 3.84 -5.44
N ILE B 263 -22.67 3.17 -4.28
CA ILE B 263 -22.93 1.73 -4.26
C ILE B 263 -24.33 1.44 -4.79
N LYS B 264 -25.28 2.32 -4.50
CA LYS B 264 -26.66 2.11 -4.97
C LYS B 264 -26.73 2.21 -6.50
N THR B 265 -25.94 3.10 -7.08
CA THR B 265 -25.97 3.29 -8.54
C THR B 265 -25.12 2.27 -9.28
N LEU B 266 -24.10 1.68 -8.65
CA LEU B 266 -23.22 0.79 -9.39
C LEU B 266 -24.05 -0.33 -10.06
N PRO B 267 -23.85 -0.59 -11.34
CA PRO B 267 -24.47 -1.80 -11.93
C PRO B 267 -24.01 -3.05 -11.21
N GLU B 268 -24.97 -3.89 -10.84
CA GLU B 268 -24.66 -5.11 -10.10
C GLU B 268 -23.67 -5.99 -10.87
N GLN B 269 -23.70 -5.94 -12.20
CA GLN B 269 -22.87 -6.83 -13.00
C GLN B 269 -21.44 -6.34 -13.17
N TYR B 270 -21.14 -5.10 -12.78
CA TYR B 270 -19.79 -4.56 -12.81
C TYR B 270 -19.14 -4.56 -11.42
N SER B 271 -19.78 -5.17 -10.43
CA SER B 271 -19.22 -5.13 -9.08
C SER B 271 -17.87 -5.83 -9.02
N ASP B 272 -17.71 -6.92 -9.77
CA ASP B 272 -16.45 -7.68 -9.72
C ASP B 272 -15.26 -6.84 -10.15
N ILE B 273 -15.48 -5.86 -11.03
CA ILE B 273 -14.39 -5.06 -11.59
C ILE B 273 -14.32 -3.64 -11.03
N LEU B 274 -15.35 -3.15 -10.34
CA LEU B 274 -15.31 -1.78 -9.83
C LEU B 274 -15.06 -1.69 -8.33
N LEU B 275 -15.08 -2.80 -7.60
CA LEU B 275 -14.95 -2.80 -6.14
C LEU B 275 -13.75 -3.63 -5.72
N ASN B 276 -12.89 -3.02 -4.93
CA ASN B 276 -11.70 -3.66 -4.39
C ASN B 276 -12.04 -4.33 -3.06
N GLU B 277 -12.03 -5.67 -3.05
CA GLU B 277 -12.38 -6.40 -1.84
C GLU B 277 -11.53 -5.99 -0.64
N ARG B 278 -10.21 -5.87 -0.83
CA ARG B 278 -9.37 -5.54 0.31
C ARG B 278 -9.77 -4.20 0.92
N VAL B 279 -9.91 -3.18 0.08
CA VAL B 279 -10.20 -1.84 0.61
C VAL B 279 -11.53 -1.85 1.35
N TRP B 280 -12.55 -2.47 0.78
CA TRP B 280 -13.89 -2.37 1.38
C TRP B 280 -13.96 -3.16 2.68
N ASN B 281 -13.40 -4.37 2.71
CA ASN B 281 -13.37 -5.14 3.96
C ASN B 281 -12.55 -4.42 5.03
N ILE B 282 -11.40 -3.86 4.66
CA ILE B 282 -10.65 -3.08 5.65
C ILE B 282 -11.48 -1.89 6.13
N CYS B 283 -12.08 -1.15 5.19
CA CYS B 283 -12.75 0.08 5.59
C CYS B 283 -13.98 -0.19 6.47
N LEU B 284 -14.76 -1.21 6.12
CA LEU B 284 -16.01 -1.44 6.84
C LEU B 284 -15.81 -2.23 8.13
N TYR B 285 -14.78 -3.07 8.23
CA TYR B 285 -14.69 -3.99 9.36
C TYR B 285 -13.42 -3.88 10.20
N SER B 286 -12.33 -3.31 9.68
CA SER B 286 -11.09 -3.20 10.45
C SER B 286 -10.67 -1.78 10.79
N SER B 287 -11.06 -0.77 10.01
CA SER B 287 -10.47 0.56 10.10
C SER B 287 -10.97 1.32 11.33
N PHE B 288 -10.34 2.48 11.57
CA PHE B 288 -10.80 3.37 12.63
C PHE B 288 -12.26 3.74 12.45
N GLN B 289 -12.69 3.88 11.20
CA GLN B 289 -14.04 4.35 10.92
C GLN B 289 -15.00 3.21 10.64
N LYS B 290 -14.67 2.00 11.09
CA LYS B 290 -15.47 0.81 10.77
C LYS B 290 -16.92 0.91 11.22
N ASN B 291 -17.22 1.76 12.20
CA ASN B 291 -18.57 1.88 12.76
C ASN B 291 -19.20 3.21 12.41
N SER B 292 -18.57 3.99 11.53
CA SER B 292 -19.01 5.33 11.18
C SER B 292 -19.76 5.39 9.86
N LEU B 293 -19.88 4.29 9.14
CA LEU B 293 -20.48 4.33 7.80
C LEU B 293 -21.67 3.40 7.77
N HIS B 294 -22.68 3.68 8.58
CA HIS B 294 -23.77 2.73 8.78
C HIS B 294 -24.60 2.53 7.51
N ASN B 295 -24.85 3.60 6.76
CA ASN B 295 -25.69 3.46 5.58
C ASN B 295 -24.97 2.68 4.50
N THR B 296 -23.66 2.95 4.35
CA THR B 296 -22.85 2.29 3.35
C THR B 296 -22.65 0.82 3.70
N GLU B 297 -22.41 0.53 4.97
CA GLU B 297 -22.27 -0.87 5.37
C GLU B 297 -23.57 -1.63 5.16
N LYS B 298 -24.72 -1.00 5.42
CA LYS B 298 -25.97 -1.73 5.24
C LYS B 298 -26.24 -2.04 3.76
N ILE B 299 -26.00 -1.09 2.85
CA ILE B 299 -26.27 -1.39 1.44
C ILE B 299 -25.24 -2.36 0.88
N MET B 300 -23.98 -2.22 1.29
CA MET B 300 -22.94 -3.16 0.85
C MET B 300 -23.27 -4.59 1.29
N GLU B 301 -23.73 -4.77 2.54
CA GLU B 301 -23.99 -6.11 3.03
C GLU B 301 -25.24 -6.72 2.41
N ASN B 302 -26.19 -5.91 1.96
CA ASN B 302 -27.40 -6.44 1.36
C ASN B 302 -27.27 -6.62 -0.14
N LYS B 303 -26.41 -5.83 -0.78
CA LYS B 303 -26.30 -5.86 -2.23
C LYS B 303 -25.11 -6.66 -2.71
N TYR B 304 -24.00 -6.65 -1.97
CA TYR B 304 -22.77 -7.31 -2.40
C TYR B 304 -22.16 -8.16 -1.28
N PRO B 305 -22.96 -9.00 -0.63
CA PRO B 305 -22.41 -9.79 0.50
C PRO B 305 -21.29 -10.71 0.08
N GLU B 306 -21.16 -10.98 -1.22
CA GLU B 306 -20.09 -11.85 -1.72
C GLU B 306 -18.72 -11.21 -1.51
N LEU B 307 -18.60 -9.92 -1.83
CA LEU B 307 -17.36 -9.20 -1.64
C LEU B 307 -16.93 -9.15 -0.17
N LEU B 308 -17.80 -9.52 0.76
CA LEU B 308 -17.50 -9.36 2.17
C LEU B 308 -17.59 -10.70 2.91
C7 V5O C . -34.14 4.23 -26.96
C8 V5O C . -33.59 2.99 -26.28
C9 V5O C . -36.16 10.47 -30.05
O1 V5O C . -32.45 2.66 -26.54
C1 V5O C . -33.70 7.77 -30.28
C5 V5O C . -34.08 6.03 -28.65
C6 V5O C . -33.58 4.81 -27.98
C4 V5O C . -35.33 6.57 -28.39
C3 V5O C . -35.75 7.71 -29.07
C2 V5O C . -34.94 8.32 -30.01
O2 V5O C . -34.39 9.20 -32.67
C12 V5O C . -35.04 9.81 -31.95
C11 V5O C . -35.65 11.11 -32.31
C10 V5O C . -36.05 11.67 -30.98
N V5O C . -35.34 9.47 -30.68
C V5O C . -33.29 6.63 -29.60
O V5O C . -34.32 2.39 -25.55
#